data_3RFM
#
_entry.id   3RFM
#
_cell.length_a   112.327
_cell.length_b   113.328
_cell.length_c   129.300
_cell.angle_alpha   90.00
_cell.angle_beta   90.00
_cell.angle_gamma   90.00
#
_symmetry.space_group_name_H-M   'I 2 2 2'
#
loop_
_entity.id
_entity.type
_entity.pdbx_description
1 polymer 'Adenosine receptor A2a'
2 non-polymer CAFFEINE
#
_entity_poly.entity_id   1
_entity_poly.type   'polypeptide(L)'
_entity_poly.pdbx_seq_one_letter_code
;MPIMGSSVYITVELAIAVLAILGNVLVCWAVWLNSNLQNVTNYFVVSLAAADILVGVLAIPFAITISTGFCAACHGCLFI
ACFVLVLAQSSIFSLLAIAIDRYIAIAIPLRYNGLVTGTRAAGIIAICWVLSFAIGLTPMLGWNNCGQPKEGKNHSQGCG
EGQVACLFEDVVPMNYMVYFNFFACVLVPLLLMLGVYLRIFAAARRQLKQMESQPLPGERARSTLQKEVHAAKSAAIIAG
LFALCWLPLHIINCFTFFCPDCSHAPLWLMYLAIVLAHTNSVVNPFIYAYRIREFRQTFRKIIRSHVLRQQEPFKAAAAH
HHHHHHHHH
;
_entity_poly.pdbx_strand_id   A
#
loop_
_chem_comp.id
_chem_comp.type
_chem_comp.name
_chem_comp.formula
CFF non-polymer CAFFEINE 'C8 H10 N4 O2'
#
# COMPACT_ATOMS: atom_id res chain seq x y z
N SER A 7 9.43 12.86 23.65
CA SER A 7 8.45 11.78 23.58
C SER A 7 7.24 12.19 22.74
N VAL A 8 7.43 13.18 21.87
CA VAL A 8 6.36 13.65 21.00
C VAL A 8 6.23 12.75 19.78
N TYR A 9 7.35 12.47 19.13
CA TYR A 9 7.39 11.56 17.99
C TYR A 9 6.77 10.23 18.38
N ILE A 10 7.12 9.75 19.57
CA ILE A 10 6.59 8.50 20.08
C ILE A 10 5.07 8.58 20.21
N THR A 11 4.60 9.67 20.81
CA THR A 11 3.17 9.87 21.00
C THR A 11 2.40 9.83 19.68
N VAL A 12 2.90 10.56 18.68
CA VAL A 12 2.26 10.60 17.38
C VAL A 12 2.27 9.24 16.70
N GLU A 13 3.38 8.52 16.82
CA GLU A 13 3.50 7.19 16.23
C GLU A 13 2.50 6.22 16.85
N LEU A 14 2.27 6.37 18.15
CA LEU A 14 1.29 5.54 18.85
C LEU A 14 -0.13 5.93 18.42
N ALA A 15 -0.36 7.23 18.25
CA ALA A 15 -1.66 7.73 17.83
C ALA A 15 -2.06 7.11 16.50
N ILE A 16 -1.11 7.05 15.56
CA ILE A 16 -1.36 6.46 14.26
C ILE A 16 -1.62 4.95 14.36
N ALA A 17 -0.79 4.27 15.14
CA ALA A 17 -0.92 2.83 15.31
C ALA A 17 -2.34 2.44 15.73
N VAL A 18 -2.93 3.24 16.61
CA VAL A 18 -4.30 2.98 17.07
C VAL A 18 -5.30 3.09 15.92
N LEU A 19 -5.23 4.20 15.18
CA LEU A 19 -6.13 4.42 14.07
C LEU A 19 -5.95 3.38 12.97
N ALA A 20 -4.70 3.12 12.63
CA ALA A 20 -4.37 2.13 11.59
C ALA A 20 -5.04 0.80 11.89
N ILE A 21 -5.01 0.40 13.16
CA ILE A 21 -5.64 -0.85 13.58
C ILE A 21 -7.16 -0.72 13.54
N LEU A 22 -7.70 0.16 14.37
CA LEU A 22 -9.15 0.34 14.44
C LEU A 22 -9.80 0.50 13.07
N GLY A 23 -9.20 1.34 12.23
CA GLY A 23 -9.74 1.60 10.91
C GLY A 23 -9.81 0.38 10.01
N ASN A 24 -8.66 -0.19 9.68
CA ASN A 24 -8.60 -1.35 8.80
C ASN A 24 -9.30 -2.58 9.36
N VAL A 25 -9.26 -2.73 10.68
CA VAL A 25 -9.97 -3.82 11.35
C VAL A 25 -11.47 -3.63 11.17
N LEU A 26 -11.92 -2.38 11.27
CA LEU A 26 -13.32 -2.05 11.07
C LEU A 26 -13.73 -2.38 9.64
N VAL A 27 -12.80 -2.20 8.70
CA VAL A 27 -13.06 -2.50 7.30
C VAL A 27 -13.24 -3.99 7.07
N CYS A 28 -12.34 -4.79 7.65
CA CYS A 28 -12.40 -6.24 7.51
C CYS A 28 -13.67 -6.80 8.14
N TRP A 29 -14.07 -6.22 9.26
CA TRP A 29 -15.28 -6.64 9.96
C TRP A 29 -16.51 -6.30 9.14
N ALA A 30 -16.52 -5.09 8.57
CA ALA A 30 -17.64 -4.63 7.76
C ALA A 30 -17.85 -5.51 6.54
N VAL A 31 -16.76 -6.04 5.99
CA VAL A 31 -16.83 -6.92 4.84
C VAL A 31 -17.34 -8.31 5.24
N TRP A 32 -16.88 -8.78 6.39
CA TRP A 32 -17.25 -10.10 6.88
C TRP A 32 -18.69 -10.11 7.38
N LEU A 33 -19.25 -8.93 7.60
CA LEU A 33 -20.63 -8.81 8.07
C LEU A 33 -21.60 -8.62 6.89
N ASN A 34 -21.35 -7.59 6.09
CA ASN A 34 -22.19 -7.30 4.93
C ASN A 34 -21.72 -8.06 3.69
N SER A 35 -22.55 -8.98 3.22
CA SER A 35 -22.20 -9.81 2.07
C SER A 35 -22.22 -9.01 0.77
N ASN A 36 -22.79 -7.81 0.81
CA ASN A 36 -22.84 -6.94 -0.36
C ASN A 36 -21.48 -6.31 -0.65
N LEU A 37 -20.52 -6.56 0.23
CA LEU A 37 -19.17 -6.03 0.07
C LEU A 37 -18.17 -7.15 -0.16
N GLN A 38 -18.66 -8.38 -0.23
CA GLN A 38 -17.80 -9.54 -0.38
C GLN A 38 -17.56 -9.92 -1.84
N ASN A 39 -17.52 -8.92 -2.72
CA ASN A 39 -17.22 -9.14 -4.12
C ASN A 39 -15.74 -9.46 -4.33
N VAL A 40 -15.42 -10.06 -5.47
CA VAL A 40 -14.04 -10.45 -5.77
C VAL A 40 -13.07 -9.28 -5.63
N THR A 41 -13.56 -8.08 -5.96
CA THR A 41 -12.73 -6.88 -5.90
C THR A 41 -12.19 -6.62 -4.51
N ASN A 42 -13.06 -6.73 -3.50
CA ASN A 42 -12.69 -6.42 -2.14
C ASN A 42 -11.81 -7.47 -1.46
N TYR A 43 -11.54 -8.57 -2.16
CA TYR A 43 -10.61 -9.56 -1.65
C TYR A 43 -9.22 -8.96 -1.54
N PHE A 44 -8.89 -8.08 -2.48
CA PHE A 44 -7.62 -7.38 -2.46
C PHE A 44 -7.61 -6.27 -1.42
N VAL A 45 -8.77 -5.63 -1.24
CA VAL A 45 -8.90 -4.59 -0.23
C VAL A 45 -8.63 -5.15 1.15
N VAL A 46 -9.00 -6.42 1.35
CA VAL A 46 -8.73 -7.10 2.60
C VAL A 46 -7.23 -7.28 2.79
N SER A 47 -6.54 -7.60 1.71
CA SER A 47 -5.08 -7.72 1.73
C SER A 47 -4.46 -6.38 2.07
N LEU A 48 -5.03 -5.30 1.55
CA LEU A 48 -4.58 -3.96 1.85
C LEU A 48 -4.78 -3.65 3.33
N ALA A 49 -5.95 -4.03 3.85
CA ALA A 49 -6.27 -3.80 5.25
C ALA A 49 -5.30 -4.56 6.17
N ALA A 50 -5.23 -5.87 5.99
CA ALA A 50 -4.35 -6.71 6.80
C ALA A 50 -2.92 -6.18 6.78
N ALA A 51 -2.45 -5.80 5.59
CA ALA A 51 -1.11 -5.26 5.44
C ALA A 51 -0.97 -3.97 6.23
N ASP A 52 -1.97 -3.09 6.10
CA ASP A 52 -1.95 -1.80 6.79
C ASP A 52 -2.31 -1.92 8.26
N ILE A 53 -2.71 -3.12 8.69
CA ILE A 53 -2.98 -3.38 10.09
C ILE A 53 -1.69 -3.75 10.80
N LEU A 54 -0.92 -4.64 10.19
CA LEU A 54 0.38 -5.03 10.73
C LEU A 54 1.30 -3.82 10.85
N VAL A 55 0.92 -2.72 10.20
CA VAL A 55 1.68 -1.47 10.31
C VAL A 55 1.60 -0.94 11.73
N GLY A 56 0.39 -0.64 12.19
CA GLY A 56 0.18 -0.18 13.54
C GLY A 56 0.39 -1.30 14.56
N VAL A 57 0.59 -2.52 14.06
CA VAL A 57 0.81 -3.66 14.96
C VAL A 57 2.30 -3.96 15.15
N LEU A 58 3.05 -3.97 14.06
CA LEU A 58 4.47 -4.33 14.12
C LEU A 58 5.35 -3.26 13.50
N ALA A 59 5.00 -2.84 12.30
CA ALA A 59 5.80 -1.89 11.54
C ALA A 59 6.11 -0.64 12.36
N ILE A 60 5.08 0.00 12.89
CA ILE A 60 5.28 1.19 13.71
C ILE A 60 6.11 0.89 14.97
N PRO A 61 5.72 -0.14 15.74
CA PRO A 61 6.53 -0.54 16.90
C PRO A 61 8.00 -0.72 16.53
N PHE A 62 8.26 -1.42 15.43
CA PHE A 62 9.63 -1.63 14.97
C PHE A 62 10.30 -0.30 14.62
N ALA A 63 9.55 0.57 13.95
CA ALA A 63 10.10 1.86 13.55
C ALA A 63 10.48 2.71 14.75
N ILE A 64 9.70 2.60 15.82
CA ILE A 64 9.96 3.38 17.04
C ILE A 64 11.17 2.83 17.79
N THR A 65 11.40 1.53 17.64
CA THR A 65 12.51 0.86 18.30
C THR A 65 13.82 1.11 17.57
N ILE A 66 13.79 0.94 16.25
CA ILE A 66 14.99 1.09 15.44
C ILE A 66 15.45 2.55 15.36
N SER A 67 14.54 3.48 15.65
CA SER A 67 14.86 4.90 15.60
C SER A 67 15.96 5.26 16.60
N THR A 68 15.90 4.64 17.78
CA THR A 68 16.89 4.87 18.82
C THR A 68 18.07 3.91 18.67
N GLY A 69 17.83 2.81 17.97
CA GLY A 69 18.86 1.82 17.74
C GLY A 69 19.02 0.86 18.90
N PHE A 70 19.33 -0.40 18.59
CA PHE A 70 19.52 -1.41 19.60
C PHE A 70 20.60 -2.40 19.19
N CYS A 71 20.75 -3.48 19.96
CA CYS A 71 21.77 -4.49 19.69
C CYS A 71 21.17 -5.87 19.50
N ALA A 72 21.44 -6.48 18.36
CA ALA A 72 20.94 -7.82 18.06
C ALA A 72 21.66 -8.42 16.85
N ALA A 73 21.48 -9.72 16.64
CA ALA A 73 22.10 -10.41 15.52
C ALA A 73 21.66 -9.79 14.20
N CYS A 74 22.26 -10.25 13.10
CA CYS A 74 21.95 -9.68 11.79
C CYS A 74 20.56 -10.07 11.31
N HIS A 75 20.19 -11.33 11.49
CA HIS A 75 18.88 -11.81 11.09
C HIS A 75 17.76 -11.08 11.81
N GLY A 76 17.90 -10.93 13.13
CA GLY A 76 16.90 -10.26 13.93
C GLY A 76 16.86 -8.77 13.69
N CYS A 77 18.02 -8.18 13.40
CA CYS A 77 18.12 -6.74 13.15
C CYS A 77 17.62 -6.37 11.76
N LEU A 78 17.78 -7.30 10.82
CA LEU A 78 17.31 -7.08 9.45
C LEU A 78 15.80 -7.21 9.35
N PHE A 79 15.25 -8.25 9.97
CA PHE A 79 13.81 -8.46 9.96
C PHE A 79 13.08 -7.25 10.50
N ILE A 80 13.57 -6.71 11.62
CA ILE A 80 12.94 -5.55 12.24
C ILE A 80 13.03 -4.32 11.35
N ALA A 81 14.11 -4.21 10.58
CA ALA A 81 14.32 -3.05 9.73
C ALA A 81 13.70 -3.21 8.34
N CYS A 82 13.53 -4.45 7.90
CA CYS A 82 13.04 -4.73 6.56
C CYS A 82 11.59 -5.20 6.55
N PHE A 83 10.99 -5.30 7.74
CA PHE A 83 9.60 -5.73 7.85
C PHE A 83 8.67 -4.72 7.22
N VAL A 84 9.06 -3.45 7.26
CA VAL A 84 8.26 -2.37 6.69
C VAL A 84 8.27 -2.45 5.16
N LEU A 85 9.34 -3.00 4.60
CA LEU A 85 9.47 -3.15 3.16
C LEU A 85 8.49 -4.20 2.64
N VAL A 86 8.13 -5.14 3.51
CA VAL A 86 7.18 -6.20 3.16
C VAL A 86 5.76 -5.66 3.07
N LEU A 87 5.36 -4.88 4.07
CA LEU A 87 4.03 -4.27 4.10
C LEU A 87 3.88 -3.26 2.97
N ALA A 88 4.93 -2.49 2.73
CA ALA A 88 4.92 -1.49 1.68
C ALA A 88 4.88 -2.13 0.30
N GLN A 89 5.51 -3.29 0.18
CA GLN A 89 5.56 -4.00 -1.10
C GLN A 89 4.25 -4.73 -1.39
N SER A 90 3.65 -5.31 -0.36
CA SER A 90 2.38 -6.00 -0.51
C SER A 90 1.29 -5.04 -0.96
N SER A 91 1.32 -3.83 -0.41
CA SER A 91 0.38 -2.79 -0.78
C SER A 91 0.50 -2.47 -2.27
N ILE A 92 1.71 -2.61 -2.79
CA ILE A 92 1.97 -2.38 -4.21
C ILE A 92 1.18 -3.36 -5.07
N PHE A 93 1.29 -4.64 -4.75
CA PHE A 93 0.59 -5.68 -5.50
C PHE A 93 -0.93 -5.55 -5.37
N SER A 94 -1.39 -5.21 -4.17
CA SER A 94 -2.82 -5.04 -3.92
C SER A 94 -3.38 -3.87 -4.72
N LEU A 95 -2.69 -2.73 -4.66
CA LEU A 95 -3.12 -1.55 -5.40
C LEU A 95 -3.06 -1.77 -6.91
N LEU A 96 -2.06 -2.53 -7.35
CA LEU A 96 -1.89 -2.84 -8.76
C LEU A 96 -3.00 -3.78 -9.24
N ALA A 97 -3.36 -4.74 -8.41
CA ALA A 97 -4.41 -5.68 -8.74
C ALA A 97 -5.76 -4.99 -8.85
N ILE A 98 -6.05 -4.11 -7.90
CA ILE A 98 -7.28 -3.34 -7.91
C ILE A 98 -7.40 -2.49 -9.17
N ALA A 99 -6.29 -1.89 -9.56
CA ALA A 99 -6.24 -1.09 -10.78
C ALA A 99 -6.58 -1.94 -12.00
N ILE A 100 -5.90 -3.08 -12.11
CA ILE A 100 -6.15 -4.02 -13.20
C ILE A 100 -7.61 -4.48 -13.19
N ASP A 101 -8.10 -4.81 -11.99
CA ASP A 101 -9.48 -5.25 -11.81
C ASP A 101 -10.47 -4.23 -12.33
N ARG A 102 -10.35 -3.00 -11.85
CA ARG A 102 -11.25 -1.92 -12.26
C ARG A 102 -11.13 -1.64 -13.75
N TYR A 103 -10.05 -2.11 -14.36
CA TYR A 103 -9.86 -1.97 -15.80
C TYR A 103 -10.59 -3.08 -16.54
N ILE A 104 -10.45 -4.30 -16.05
CA ILE A 104 -11.08 -5.46 -16.66
C ILE A 104 -12.60 -5.30 -16.71
N ALA A 105 -13.16 -4.73 -15.65
CA ALA A 105 -14.60 -4.53 -15.56
C ALA A 105 -15.12 -3.60 -16.64
N ILE A 106 -14.50 -2.43 -16.77
CA ILE A 106 -14.93 -1.44 -17.75
C ILE A 106 -14.52 -1.83 -19.17
N ALA A 107 -13.32 -2.39 -19.32
CA ALA A 107 -12.83 -2.81 -20.63
C ALA A 107 -13.65 -3.97 -21.18
N ILE A 108 -13.66 -5.09 -20.46
CA ILE A 108 -14.41 -6.26 -20.88
C ILE A 108 -15.35 -6.73 -19.77
N PRO A 109 -16.52 -6.08 -19.66
CA PRO A 109 -17.48 -6.38 -18.60
C PRO A 109 -17.95 -7.83 -18.63
N LEU A 110 -18.08 -8.39 -19.83
CA LEU A 110 -18.55 -9.76 -19.98
C LEU A 110 -17.55 -10.78 -19.44
N ARG A 111 -16.34 -10.74 -19.98
CA ARG A 111 -15.29 -11.66 -19.56
C ARG A 111 -14.83 -11.37 -18.14
N TYR A 112 -15.29 -10.25 -17.57
CA TYR A 112 -14.92 -9.87 -16.22
C TYR A 112 -15.22 -10.98 -15.21
N ASN A 113 -16.45 -11.48 -15.25
CA ASN A 113 -16.86 -12.53 -14.33
C ASN A 113 -16.24 -13.88 -14.68
N GLY A 114 -15.82 -14.02 -15.93
CA GLY A 114 -15.18 -15.24 -16.39
C GLY A 114 -13.71 -15.31 -16.01
N LEU A 115 -13.06 -14.16 -15.97
CA LEU A 115 -11.65 -14.07 -15.62
C LEU A 115 -11.49 -13.75 -14.14
N VAL A 116 -11.99 -12.59 -13.73
CA VAL A 116 -11.92 -12.16 -12.34
C VAL A 116 -12.79 -13.05 -11.46
N THR A 117 -12.19 -14.10 -10.92
CA THR A 117 -12.91 -15.05 -10.08
C THR A 117 -12.54 -14.89 -8.61
N GLY A 118 -13.41 -15.35 -7.72
CA GLY A 118 -13.16 -15.29 -6.30
C GLY A 118 -12.00 -16.17 -5.88
N THR A 119 -11.72 -17.19 -6.68
CA THR A 119 -10.64 -18.12 -6.41
C THR A 119 -9.28 -17.54 -6.81
N ARG A 120 -9.18 -17.07 -8.05
CA ARG A 120 -7.95 -16.47 -8.55
C ARG A 120 -7.51 -15.31 -7.66
N ALA A 121 -8.49 -14.62 -7.09
CA ALA A 121 -8.20 -13.50 -6.19
C ALA A 121 -7.35 -13.96 -5.02
N ALA A 122 -7.84 -14.98 -4.32
CA ALA A 122 -7.12 -15.54 -3.17
C ALA A 122 -5.75 -16.06 -3.58
N GLY A 123 -5.67 -16.61 -4.79
CA GLY A 123 -4.42 -17.12 -5.32
C GLY A 123 -3.40 -16.02 -5.55
N ILE A 124 -3.80 -15.01 -6.33
CA ILE A 124 -2.93 -13.89 -6.61
C ILE A 124 -2.43 -13.25 -5.33
N ILE A 125 -3.34 -12.98 -4.40
CA ILE A 125 -3.00 -12.40 -3.11
C ILE A 125 -1.88 -13.19 -2.44
N ALA A 126 -2.07 -14.50 -2.32
CA ALA A 126 -1.07 -15.37 -1.73
C ALA A 126 0.28 -15.20 -2.41
N ILE A 127 0.27 -15.23 -3.74
CA ILE A 127 1.49 -15.05 -4.52
C ILE A 127 2.13 -13.70 -4.23
N CYS A 128 1.31 -12.65 -4.21
CA CYS A 128 1.79 -11.30 -3.95
C CYS A 128 2.54 -11.21 -2.63
N TRP A 129 1.98 -11.81 -1.59
CA TRP A 129 2.61 -11.82 -0.27
C TRP A 129 3.96 -12.54 -0.30
N VAL A 130 3.99 -13.70 -0.93
CA VAL A 130 5.22 -14.47 -1.07
C VAL A 130 6.29 -13.61 -1.76
N LEU A 131 5.90 -12.96 -2.84
CA LEU A 131 6.81 -12.08 -3.55
C LEU A 131 7.17 -10.87 -2.71
N SER A 132 6.26 -10.50 -1.80
CA SER A 132 6.50 -9.37 -0.91
C SER A 132 7.58 -9.68 0.11
N PHE A 133 7.58 -10.92 0.60
CA PHE A 133 8.60 -11.37 1.54
C PHE A 133 9.93 -11.59 0.82
N ALA A 134 9.86 -12.15 -0.38
CA ALA A 134 11.05 -12.38 -1.19
C ALA A 134 11.77 -11.07 -1.46
N ILE A 135 11.02 -10.07 -1.90
CA ILE A 135 11.57 -8.75 -2.20
C ILE A 135 11.88 -7.97 -0.93
N GLY A 136 10.88 -7.81 -0.08
CA GLY A 136 11.01 -7.03 1.14
C GLY A 136 12.15 -7.47 2.04
N LEU A 137 12.44 -8.77 2.03
CA LEU A 137 13.52 -9.32 2.86
C LEU A 137 14.70 -9.78 2.02
N THR A 138 14.92 -9.13 0.88
CA THR A 138 16.06 -9.42 0.03
C THR A 138 17.40 -9.12 0.73
N PRO A 139 17.45 -8.00 1.48
CA PRO A 139 18.68 -7.70 2.24
C PRO A 139 19.06 -8.82 3.20
N MET A 140 18.10 -9.66 3.56
CA MET A 140 18.36 -10.79 4.45
C MET A 140 18.93 -11.98 3.68
N LEU A 141 19.01 -11.84 2.36
CA LEU A 141 19.55 -12.88 1.51
C LEU A 141 21.06 -12.73 1.35
N GLY A 142 21.60 -11.65 1.91
CA GLY A 142 23.03 -11.39 1.86
C GLY A 142 23.37 -9.98 1.45
N TRP A 143 22.38 -9.26 0.92
CA TRP A 143 22.57 -7.90 0.45
C TRP A 143 22.43 -6.91 1.61
N ASN A 144 23.40 -6.91 2.51
CA ASN A 144 23.34 -6.04 3.69
C ASN A 144 24.71 -5.48 4.10
N ASN A 145 24.69 -4.52 5.02
CA ASN A 145 25.91 -3.90 5.52
C ASN A 145 26.15 -4.20 6.99
N CYS A 146 25.99 -5.46 7.36
CA CYS A 146 26.20 -5.88 8.75
C CYS A 146 27.68 -5.99 9.07
N GLY A 147 28.19 -5.06 9.86
CA GLY A 147 29.58 -5.09 10.29
C GLY A 147 30.51 -4.36 9.33
N GLN A 148 29.95 -3.57 8.43
CA GLN A 148 30.75 -2.81 7.48
C GLN A 148 31.47 -1.65 8.15
N PRO A 149 32.76 -1.46 7.83
CA PRO A 149 33.59 -0.41 8.40
C PRO A 149 32.92 0.96 8.33
N GLY A 158 30.69 -1.51 22.07
CA GLY A 158 29.38 -1.11 21.60
C GLY A 158 28.30 -2.11 21.97
N CYS A 159 28.14 -3.14 21.15
CA CYS A 159 27.13 -4.16 21.38
C CYS A 159 27.77 -5.52 21.62
N GLY A 160 29.06 -5.63 21.32
CA GLY A 160 29.80 -6.87 21.52
C GLY A 160 29.75 -7.76 20.29
N GLU A 161 30.56 -8.81 20.30
CA GLU A 161 30.60 -9.75 19.17
C GLU A 161 29.30 -10.54 19.08
N GLY A 162 28.81 -10.72 17.86
CA GLY A 162 27.56 -11.41 17.63
C GLY A 162 26.42 -10.44 17.37
N GLN A 163 26.29 -9.45 18.24
CA GLN A 163 25.24 -8.43 18.11
C GLN A 163 25.75 -7.22 17.31
N VAL A 164 24.89 -6.69 16.45
CA VAL A 164 25.26 -5.54 15.63
C VAL A 164 24.36 -4.34 15.93
N ALA A 165 24.96 -3.15 15.95
CA ALA A 165 24.19 -1.93 16.18
C ALA A 165 23.12 -1.80 15.11
N CYS A 166 21.89 -2.14 15.46
CA CYS A 166 20.79 -2.15 14.50
C CYS A 166 20.36 -0.74 14.16
N LEU A 167 21.00 -0.17 13.13
CA LEU A 167 20.65 1.15 12.64
C LEU A 167 20.26 1.03 11.17
N PHE A 168 19.06 1.48 10.83
CA PHE A 168 18.51 1.30 9.50
C PHE A 168 19.50 1.63 8.38
N GLU A 169 20.04 2.84 8.41
CA GLU A 169 20.94 3.30 7.35
C GLU A 169 22.27 2.56 7.36
N ASP A 170 22.64 2.00 8.51
CA ASP A 170 23.93 1.33 8.65
C ASP A 170 23.88 -0.16 8.34
N VAL A 171 22.72 -0.78 8.57
CA VAL A 171 22.57 -2.21 8.32
C VAL A 171 21.94 -2.49 6.97
N VAL A 172 21.27 -1.48 6.41
CA VAL A 172 20.61 -1.62 5.11
C VAL A 172 21.33 -0.82 4.03
N PRO A 173 21.75 -1.51 2.95
CA PRO A 173 22.44 -0.89 1.82
C PRO A 173 21.58 0.18 1.15
N MET A 174 22.23 1.20 0.57
CA MET A 174 21.52 2.26 -0.12
C MET A 174 21.25 1.90 -1.57
N ASN A 175 22.19 1.19 -2.18
CA ASN A 175 22.03 0.74 -3.57
C ASN A 175 20.82 -0.16 -3.74
N TYR A 176 20.41 -0.81 -2.66
CA TYR A 176 19.22 -1.66 -2.68
C TYR A 176 17.96 -0.84 -2.72
N MET A 177 17.76 -0.02 -1.69
CA MET A 177 16.54 0.76 -1.53
C MET A 177 16.34 1.76 -2.67
N VAL A 178 17.42 2.04 -3.42
CA VAL A 178 17.32 2.97 -4.54
C VAL A 178 17.03 2.25 -5.84
N TYR A 179 17.97 1.45 -6.31
CA TYR A 179 17.83 0.76 -7.59
C TYR A 179 16.78 -0.35 -7.52
N PHE A 180 17.04 -1.36 -6.69
CA PHE A 180 16.17 -2.51 -6.58
C PHE A 180 14.78 -2.15 -6.02
N ASN A 181 14.75 -1.65 -4.79
CA ASN A 181 13.50 -1.36 -4.12
C ASN A 181 12.69 -0.23 -4.77
N PHE A 182 13.20 0.99 -4.68
CA PHE A 182 12.48 2.15 -5.18
C PHE A 182 12.11 2.13 -6.67
N PHE A 183 13.12 2.18 -7.53
CA PHE A 183 12.90 2.27 -8.98
C PHE A 183 12.10 1.06 -9.50
N ALA A 184 12.59 -0.14 -9.22
CA ALA A 184 11.98 -1.35 -9.77
C ALA A 184 10.71 -1.79 -9.05
N CYS A 185 10.76 -1.86 -7.74
CA CYS A 185 9.65 -2.39 -6.94
C CYS A 185 8.68 -1.33 -6.43
N VAL A 186 8.85 -0.09 -6.91
CA VAL A 186 7.95 0.98 -6.51
C VAL A 186 7.64 1.94 -7.66
N LEU A 187 8.67 2.52 -8.26
CA LEU A 187 8.49 3.47 -9.34
C LEU A 187 7.86 2.81 -10.56
N VAL A 188 8.37 1.64 -10.94
CA VAL A 188 7.85 0.90 -12.08
C VAL A 188 6.38 0.52 -11.91
N PRO A 189 6.03 -0.10 -10.78
CA PRO A 189 4.62 -0.43 -10.52
C PRO A 189 3.72 0.79 -10.61
N LEU A 190 4.07 1.87 -9.92
CA LEU A 190 3.28 3.09 -9.95
C LEU A 190 3.14 3.63 -11.37
N LEU A 191 4.16 3.42 -12.19
CA LEU A 191 4.10 3.85 -13.58
C LEU A 191 3.17 2.96 -14.39
N LEU A 192 3.12 1.68 -14.02
CA LEU A 192 2.19 0.75 -14.64
C LEU A 192 0.76 1.07 -14.23
N MET A 193 0.55 1.27 -12.93
CA MET A 193 -0.75 1.62 -12.39
C MET A 193 -1.28 2.89 -13.02
N LEU A 194 -0.45 3.94 -13.03
CA LEU A 194 -0.84 5.20 -13.64
C LEU A 194 -1.22 4.99 -15.10
N GLY A 195 -0.46 4.14 -15.78
CA GLY A 195 -0.73 3.82 -17.18
C GLY A 195 -2.05 3.10 -17.35
N VAL A 196 -2.40 2.27 -16.36
CA VAL A 196 -3.66 1.55 -16.38
C VAL A 196 -4.85 2.51 -16.33
N TYR A 197 -4.87 3.36 -15.30
CA TYR A 197 -5.95 4.33 -15.13
C TYR A 197 -6.06 5.25 -16.35
N LEU A 198 -4.97 5.39 -17.10
CA LEU A 198 -4.99 6.15 -18.34
C LEU A 198 -5.95 5.50 -19.33
N ARG A 199 -5.82 4.19 -19.49
CA ARG A 199 -6.66 3.44 -20.40
C ARG A 199 -8.07 3.31 -19.84
N ILE A 200 -8.18 3.19 -18.53
CA ILE A 200 -9.48 3.05 -17.88
C ILE A 200 -10.41 4.22 -18.18
N PHE A 201 -9.99 5.42 -17.79
CA PHE A 201 -10.82 6.61 -17.97
C PHE A 201 -10.91 7.04 -19.44
N ALA A 202 -9.89 6.72 -20.21
CA ALA A 202 -9.89 7.04 -21.64
C ALA A 202 -10.95 6.22 -22.37
N ALA A 203 -11.09 4.96 -21.99
CA ALA A 203 -12.06 4.06 -22.59
C ALA A 203 -13.44 4.27 -21.98
N ALA A 204 -13.47 4.58 -20.69
CA ALA A 204 -14.74 4.79 -19.98
C ALA A 204 -15.54 5.92 -20.60
N ARG A 205 -14.85 6.98 -21.00
CA ARG A 205 -15.49 8.13 -21.62
C ARG A 205 -15.89 7.84 -23.07
N ARG A 206 -15.24 6.86 -23.67
CA ARG A 206 -15.61 6.41 -25.02
C ARG A 206 -16.87 5.55 -24.95
N GLN A 207 -17.02 4.81 -23.85
CA GLN A 207 -18.21 4.02 -23.62
C GLN A 207 -19.42 4.94 -23.56
N LEU A 208 -19.25 6.07 -22.89
CA LEU A 208 -20.30 7.06 -22.75
C LEU A 208 -20.60 7.76 -24.06
N LYS A 209 -19.61 7.82 -24.94
CA LYS A 209 -19.78 8.46 -26.25
C LYS A 209 -20.56 7.55 -27.19
N GLN A 210 -20.28 6.26 -27.14
CA GLN A 210 -21.01 5.29 -27.94
C GLN A 210 -22.45 5.19 -27.45
N MET A 211 -22.62 5.33 -26.14
CA MET A 211 -23.95 5.34 -25.54
C MET A 211 -24.59 6.71 -25.69
N GLU A 212 -23.81 7.67 -26.18
CA GLU A 212 -24.31 9.01 -26.44
C GLU A 212 -24.93 9.06 -27.83
N SER A 213 -24.62 8.06 -28.64
CA SER A 213 -25.15 7.97 -30.00
C SER A 213 -25.96 6.70 -30.18
N GLN A 214 -26.71 6.32 -29.14
CA GLN A 214 -27.52 5.11 -29.18
C GLN A 214 -29.00 5.44 -29.35
N PRO A 215 -29.69 4.67 -30.20
CA PRO A 215 -31.13 4.86 -30.49
C PRO A 215 -32.03 4.43 -29.34
N LEU A 216 -31.47 4.30 -28.14
CA LEU A 216 -32.24 3.90 -26.97
C LEU A 216 -31.70 4.49 -25.68
N PRO A 217 -32.58 4.70 -24.69
CA PRO A 217 -32.19 5.24 -23.38
C PRO A 217 -31.12 4.38 -22.71
N GLY A 218 -31.47 3.16 -22.34
CA GLY A 218 -30.54 2.24 -21.70
C GLY A 218 -29.80 2.87 -20.54
N GLU A 219 -30.54 3.37 -19.57
CA GLU A 219 -29.95 4.00 -18.39
C GLU A 219 -29.37 2.97 -17.43
N ARG A 220 -29.74 1.71 -17.63
CA ARG A 220 -29.16 0.62 -16.85
C ARG A 220 -27.67 0.51 -17.11
N ALA A 221 -27.29 0.55 -18.38
CA ALA A 221 -25.90 0.47 -18.77
C ALA A 221 -25.14 1.73 -18.37
N ARG A 222 -25.81 2.87 -18.44
CA ARG A 222 -25.20 4.14 -18.05
C ARG A 222 -24.96 4.21 -16.54
N SER A 223 -26.00 3.91 -15.77
CA SER A 223 -25.89 3.92 -14.32
C SER A 223 -24.80 2.97 -13.85
N THR A 224 -24.80 1.76 -14.41
CA THR A 224 -23.79 0.75 -14.07
C THR A 224 -22.39 1.23 -14.46
N LEU A 225 -22.28 1.77 -15.67
CA LEU A 225 -21.01 2.28 -16.17
C LEU A 225 -20.49 3.38 -15.25
N GLN A 226 -21.38 4.29 -14.85
CA GLN A 226 -21.01 5.40 -13.99
C GLN A 226 -20.60 4.92 -12.60
N LYS A 227 -21.18 3.82 -12.16
CA LYS A 227 -20.86 3.26 -10.85
C LYS A 227 -19.53 2.49 -10.87
N GLU A 228 -19.25 1.87 -12.01
CA GLU A 228 -17.97 1.18 -12.20
C GLU A 228 -16.83 2.20 -12.32
N VAL A 229 -17.15 3.35 -12.90
CA VAL A 229 -16.18 4.44 -13.00
C VAL A 229 -15.97 5.08 -11.64
N HIS A 230 -17.05 5.15 -10.85
CA HIS A 230 -16.96 5.71 -9.50
C HIS A 230 -16.06 4.84 -8.62
N ALA A 231 -16.09 3.53 -8.86
CA ALA A 231 -15.25 2.60 -8.12
C ALA A 231 -13.81 2.68 -8.60
N ALA A 232 -13.63 2.76 -9.92
CA ALA A 232 -12.31 2.88 -10.51
C ALA A 232 -11.66 4.20 -10.10
N LYS A 233 -12.50 5.23 -9.96
CA LYS A 233 -12.02 6.54 -9.52
C LYS A 233 -11.62 6.49 -8.05
N SER A 234 -12.46 5.88 -7.24
CA SER A 234 -12.17 5.71 -5.81
C SER A 234 -10.86 4.94 -5.62
N ALA A 235 -10.62 3.98 -6.49
CA ALA A 235 -9.40 3.18 -6.45
C ALA A 235 -8.20 4.01 -6.87
N ALA A 236 -8.42 4.92 -7.81
CA ALA A 236 -7.36 5.80 -8.28
C ALA A 236 -6.90 6.73 -7.17
N ILE A 237 -7.83 7.11 -6.30
CA ILE A 237 -7.52 8.01 -5.20
C ILE A 237 -6.73 7.29 -4.11
N ILE A 238 -7.01 6.01 -3.92
CA ILE A 238 -6.30 5.22 -2.93
C ILE A 238 -4.84 5.04 -3.33
N ALA A 239 -4.61 4.79 -4.62
CA ALA A 239 -3.27 4.62 -5.13
C ALA A 239 -2.48 5.92 -5.10
N GLY A 240 -3.15 7.00 -5.50
CA GLY A 240 -2.52 8.32 -5.54
C GLY A 240 -1.96 8.73 -4.19
N LEU A 241 -2.71 8.45 -3.13
CA LEU A 241 -2.29 8.81 -1.78
C LEU A 241 -1.10 7.97 -1.33
N PHE A 242 -0.93 6.80 -1.94
CA PHE A 242 0.21 5.94 -1.63
C PHE A 242 1.50 6.59 -2.12
N ALA A 243 1.54 6.92 -3.42
CA ALA A 243 2.68 7.57 -4.01
C ALA A 243 2.92 8.93 -3.36
N LEU A 244 1.85 9.59 -2.96
CA LEU A 244 1.93 10.91 -2.35
C LEU A 244 2.52 10.83 -0.95
N CYS A 245 2.44 9.66 -0.34
CA CYS A 245 2.90 9.47 1.03
C CYS A 245 4.21 8.69 1.11
N TRP A 246 4.71 8.23 -0.03
CA TRP A 246 5.95 7.46 -0.06
C TRP A 246 7.03 8.12 -0.91
N LEU A 247 6.62 8.84 -1.95
CA LEU A 247 7.58 9.55 -2.79
C LEU A 247 8.51 10.45 -1.98
N PRO A 248 7.96 11.27 -1.08
CA PRO A 248 8.82 12.16 -0.27
C PRO A 248 9.93 11.39 0.43
N LEU A 249 9.61 10.23 0.99
CA LEU A 249 10.59 9.43 1.73
C LEU A 249 11.64 8.85 0.80
N HIS A 250 11.24 8.48 -0.41
CA HIS A 250 12.16 7.95 -1.40
C HIS A 250 12.98 9.06 -2.03
N ILE A 251 12.33 10.20 -2.27
CA ILE A 251 13.02 11.36 -2.85
C ILE A 251 14.18 11.78 -1.98
N ILE A 252 14.00 11.70 -0.66
CA ILE A 252 15.06 12.00 0.29
C ILE A 252 16.24 11.05 0.09
N ASN A 253 15.94 9.76 -0.06
CA ASN A 253 16.98 8.77 -0.25
C ASN A 253 17.65 8.87 -1.62
N CYS A 254 16.97 9.49 -2.57
CA CYS A 254 17.56 9.72 -3.89
C CYS A 254 18.60 10.82 -3.83
N PHE A 255 18.33 11.84 -3.02
CA PHE A 255 19.28 12.94 -2.82
C PHE A 255 20.52 12.45 -2.09
N THR A 256 20.31 11.68 -1.02
CA THR A 256 21.42 11.17 -0.22
C THR A 256 22.33 10.26 -1.03
N PHE A 257 21.72 9.33 -1.77
CA PHE A 257 22.49 8.37 -2.56
C PHE A 257 23.14 9.01 -3.77
N PHE A 258 22.33 9.38 -4.75
CA PHE A 258 22.83 9.93 -6.01
C PHE A 258 23.69 11.18 -5.81
N CYS A 259 23.40 11.94 -4.76
CA CYS A 259 24.13 13.16 -4.48
C CYS A 259 24.70 13.16 -3.07
N PRO A 260 25.90 12.58 -2.90
CA PRO A 260 26.58 12.54 -1.60
C PRO A 260 26.88 13.96 -1.10
N ASP A 261 27.09 14.89 -2.03
CA ASP A 261 27.34 16.27 -1.68
C ASP A 261 26.10 16.92 -1.07
N CYS A 262 24.95 16.67 -1.67
CA CYS A 262 23.69 17.21 -1.19
C CYS A 262 23.52 16.93 0.30
N SER A 263 23.45 17.99 1.10
CA SER A 263 23.33 17.87 2.54
C SER A 263 22.37 16.76 2.96
N HIS A 264 22.92 15.72 3.58
CA HIS A 264 22.12 14.58 4.04
C HIS A 264 20.92 15.07 4.84
N ALA A 265 19.74 14.58 4.48
CA ALA A 265 18.51 14.99 5.13
C ALA A 265 18.61 14.92 6.66
N PRO A 266 18.22 16.01 7.33
CA PRO A 266 18.22 16.10 8.79
C PRO A 266 17.31 15.06 9.41
N LEU A 267 17.49 14.77 10.69
CA LEU A 267 16.63 13.80 11.38
C LEU A 267 15.20 14.30 11.54
N TRP A 268 15.06 15.59 11.83
CA TRP A 268 13.73 16.15 12.05
C TRP A 268 12.88 16.03 10.80
N LEU A 269 13.55 16.10 9.65
CA LEU A 269 12.87 15.96 8.37
C LEU A 269 12.75 14.49 8.01
N MET A 270 13.68 13.69 8.51
CA MET A 270 13.69 12.27 8.21
C MET A 270 12.46 11.58 8.78
N TYR A 271 12.15 11.87 10.04
CA TYR A 271 11.00 11.25 10.69
C TYR A 271 9.69 11.67 10.03
N LEU A 272 9.61 12.92 9.59
CA LEU A 272 8.40 13.43 8.95
C LEU A 272 8.07 12.60 7.72
N ALA A 273 9.09 12.24 6.96
CA ALA A 273 8.91 11.40 5.78
C ALA A 273 8.52 9.98 6.17
N ILE A 274 9.03 9.54 7.32
CA ILE A 274 8.72 8.22 7.84
C ILE A 274 7.30 8.17 8.41
N VAL A 275 6.93 9.22 9.13
CA VAL A 275 5.59 9.33 9.69
C VAL A 275 4.56 9.42 8.56
N LEU A 276 4.92 10.13 7.50
CA LEU A 276 4.03 10.29 6.36
C LEU A 276 3.70 8.95 5.71
N ALA A 277 4.63 8.02 5.78
CA ALA A 277 4.44 6.69 5.20
C ALA A 277 3.52 5.83 6.06
N HIS A 278 3.65 5.95 7.38
CA HIS A 278 2.83 5.21 8.31
C HIS A 278 1.40 5.75 8.35
N THR A 279 1.23 6.98 7.87
CA THR A 279 -0.08 7.61 7.82
C THR A 279 -0.92 7.03 6.69
N ASN A 280 -0.26 6.52 5.67
CA ASN A 280 -0.93 5.96 4.50
C ASN A 280 -1.89 4.83 4.86
N SER A 281 -1.55 4.09 5.91
CA SER A 281 -2.36 2.95 6.33
C SER A 281 -3.67 3.38 6.99
N VAL A 282 -3.77 4.66 7.34
CA VAL A 282 -4.93 5.19 8.05
C VAL A 282 -5.95 5.83 7.12
N VAL A 283 -5.48 6.38 6.00
CA VAL A 283 -6.35 7.12 5.08
C VAL A 283 -7.38 6.22 4.41
N ASN A 284 -7.05 4.94 4.25
CA ASN A 284 -7.92 4.01 3.56
C ASN A 284 -9.30 3.84 4.21
N PRO A 285 -9.34 3.48 5.50
CA PRO A 285 -10.62 3.31 6.18
C PRO A 285 -11.53 4.53 6.01
N PHE A 286 -10.93 5.72 6.00
CA PHE A 286 -11.71 6.95 5.88
C PHE A 286 -12.09 7.25 4.42
N ILE A 287 -11.30 6.74 3.49
CA ILE A 287 -11.56 6.99 2.07
C ILE A 287 -12.69 6.10 1.56
N TYR A 288 -12.95 5.00 2.27
CA TYR A 288 -14.06 4.12 1.92
C TYR A 288 -15.36 4.67 2.47
N ALA A 289 -15.30 5.16 3.71
CA ALA A 289 -16.48 5.72 4.38
C ALA A 289 -16.99 6.98 3.66
N TYR A 290 -16.11 7.61 2.89
CA TYR A 290 -16.49 8.83 2.17
C TYR A 290 -16.87 8.53 0.72
N ARG A 291 -15.98 7.87 0.00
CA ARG A 291 -16.20 7.56 -1.41
C ARG A 291 -17.34 6.58 -1.62
N ILE A 292 -17.31 5.47 -0.88
CA ILE A 292 -18.33 4.44 -1.03
C ILE A 292 -19.46 4.60 -0.04
N ARG A 293 -20.65 4.88 -0.56
CA ARG A 293 -21.84 5.08 0.26
C ARG A 293 -22.32 3.78 0.88
N GLU A 294 -21.84 2.66 0.35
CA GLU A 294 -22.19 1.34 0.89
C GLU A 294 -21.37 1.05 2.14
N PHE A 295 -20.11 1.46 2.12
CA PHE A 295 -19.22 1.24 3.25
C PHE A 295 -19.63 2.03 4.49
N ARG A 296 -19.83 3.33 4.31
CA ARG A 296 -20.13 4.21 5.44
C ARG A 296 -21.39 3.78 6.20
N GLN A 297 -22.37 3.25 5.48
CA GLN A 297 -23.60 2.78 6.09
C GLN A 297 -23.35 1.47 6.83
N THR A 298 -22.34 0.74 6.42
CA THR A 298 -21.97 -0.51 7.07
C THR A 298 -21.29 -0.23 8.41
N PHE A 299 -20.33 0.70 8.39
CA PHE A 299 -19.63 1.08 9.61
C PHE A 299 -20.59 1.71 10.61
N ARG A 300 -21.37 2.68 10.13
CA ARG A 300 -22.33 3.40 10.96
C ARG A 300 -23.18 2.45 11.80
N LYS A 301 -23.50 1.30 11.22
CA LYS A 301 -24.32 0.30 11.91
C LYS A 301 -23.52 -0.46 12.95
N ILE A 302 -22.31 -0.88 12.59
CA ILE A 302 -21.45 -1.64 13.50
C ILE A 302 -21.17 -0.86 14.78
N ILE A 303 -20.84 0.42 14.62
CA ILE A 303 -20.52 1.28 15.76
C ILE A 303 -21.70 1.40 16.72
N ARG A 304 -22.87 1.74 16.19
CA ARG A 304 -24.07 1.87 16.99
C ARG A 304 -24.39 0.59 17.74
N SER A 305 -24.29 -0.53 17.04
CA SER A 305 -24.56 -1.84 17.62
C SER A 305 -23.27 -2.55 17.99
N1 CFF B . 12.50 4.12 5.91
C2 CFF B . 11.99 3.79 7.16
C10 CFF B . 11.80 3.69 4.67
C6 CFF B . 13.67 4.84 5.81
N3 CFF B . 12.66 4.17 8.30
O11 CFF B . 10.84 3.08 7.26
C12 CFF B . 12.13 3.81 9.62
C4 CFF B . 13.82 4.88 8.18
C5 CFF B . 14.34 5.22 6.98
N9 CFF B . 14.59 5.34 9.19
O13 CFF B . 14.16 5.15 4.59
N7 CFF B . 15.47 5.91 7.18
C8 CFF B . 15.59 5.96 8.52
C14 CFF B . 16.42 6.49 6.24
#